data_6FNW
#
_entry.id   6FNW
#
_cell.length_a   140.130
_cell.length_b   140.130
_cell.length_c   42.270
_cell.angle_alpha   90.00
_cell.angle_beta   90.00
_cell.angle_gamma   120.00
#
_symmetry.space_group_name_H-M   'P 65'
#
loop_
_entity.id
_entity.type
_entity.pdbx_description
1 polymer 'Volume-regulated anion channel subunit LRRC8A'
2 non-polymer 1,2-ETHANEDIOL
3 water water
#
_entity_poly.entity_id   1
_entity_poly.type   'polypeptide(L)'
_entity_poly.pdbx_seq_one_letter_code
;GPSSENKLRQLNLNNEWTLDKLRQRLTKNAQDKLELHLFMLSGIPDTVFDLVELEVLKLELIPDVTIPPSIAQLTGLKEL
WLYHTAAKIEAPALAFLRENLRALHIKFTDIKEIPLWIYSLKTLEELHLTGNLSAENNRYIVIDGLRELKRLKVLRLKSN
LSKLPQVVTDVGVHLQKLSINNEGTKLIVLNSLKKMVNLTELELIRCDLERIPHSIFSLHNLQEIDLKDNNLKTIEEIIS
FQHLHRLTCLKLWYNHIAYIPIQIGNLTNLERLYLNRNKIEKIPTQLFYCRKLRYLDLSHNNLTFLPADIGLLQNLQNLA
VTANRIEALPPELFQCRKLRALHLGNNVLQSLPSRVGELTNLTQIELRGNRLECLPVELGECPLLKRSGLVVEEDLFSTL
PPEVKERLWRADKEQAA
;
_entity_poly.pdbx_strand_id   A
#
loop_
_chem_comp.id
_chem_comp.type
_chem_comp.name
_chem_comp.formula
EDO non-polymer 1,2-ETHANEDIOL 'C2 H6 O2'
#
# COMPACT_ATOMS: atom_id res chain seq x y z
N SER A 3 -15.81 -0.03 -42.33
CA SER A 3 -16.49 -1.23 -42.78
C SER A 3 -17.91 -1.29 -42.25
N SER A 4 -18.83 -1.80 -43.08
CA SER A 4 -20.23 -1.82 -42.73
C SER A 4 -20.50 -2.69 -41.52
N GLU A 5 -19.83 -3.84 -41.43
CA GLU A 5 -20.00 -4.72 -40.29
C GLU A 5 -19.58 -4.02 -39.00
N ASN A 6 -18.41 -3.40 -39.01
CA ASN A 6 -17.95 -2.68 -37.84
C ASN A 6 -18.90 -1.54 -37.49
N LYS A 7 -19.49 -0.86 -38.49
CA LYS A 7 -20.33 0.28 -38.19
C LYS A 7 -21.58 -0.15 -37.43
N LEU A 8 -22.23 -1.22 -37.90
CA LEU A 8 -23.47 -1.66 -37.26
C LEU A 8 -23.23 -2.14 -35.83
N ARG A 9 -22.14 -2.84 -35.61
CA ARG A 9 -21.82 -3.30 -34.28
C ARG A 9 -21.55 -2.11 -33.38
N GLN A 10 -20.89 -1.09 -33.90
CA GLN A 10 -20.58 0.10 -33.13
C GLN A 10 -21.84 0.88 -32.80
N LEU A 11 -22.72 1.05 -33.78
CA LEU A 11 -23.99 1.69 -33.54
C LEU A 11 -24.77 0.99 -32.44
N ASN A 12 -24.83 -0.34 -32.48
CA ASN A 12 -25.55 -1.09 -31.45
CA ASN A 12 -25.50 -1.13 -31.45
C ASN A 12 -24.93 -0.84 -30.06
N LEU A 13 -23.60 -0.90 -29.94
CA LEU A 13 -22.92 -0.61 -28.68
C LEU A 13 -23.21 0.79 -28.18
N ASN A 14 -23.18 1.80 -29.06
CA ASN A 14 -23.51 3.17 -28.66
C ASN A 14 -24.97 3.28 -28.17
N ASN A 15 -25.88 2.61 -28.85
CA ASN A 15 -27.29 2.64 -28.40
C ASN A 15 -27.45 1.98 -27.03
N GLU A 16 -26.63 1.00 -26.74
CA GLU A 16 -26.71 0.29 -25.44
C GLU A 16 -26.06 1.07 -24.32
N TRP A 17 -25.19 2.03 -24.63
CA TRP A 17 -24.40 2.73 -23.65
C TRP A 17 -24.61 4.23 -23.84
N THR A 18 -25.79 4.70 -23.44
CA THR A 18 -26.11 6.12 -23.45
C THR A 18 -25.26 6.88 -22.44
N LEU A 19 -25.23 8.19 -22.58
CA LEU A 19 -24.46 8.99 -21.63
C LEU A 19 -24.99 8.85 -20.21
N ASP A 20 -26.32 8.78 -20.03
CA ASP A 20 -26.84 8.62 -18.68
C ASP A 20 -26.38 7.30 -18.05
N LYS A 21 -26.38 6.22 -18.83
CA LYS A 21 -25.94 4.92 -18.33
C LYS A 21 -24.46 4.91 -17.99
N LEU A 22 -23.63 5.54 -18.81
CA LEU A 22 -22.24 5.67 -18.49
C LEU A 22 -22.01 6.50 -17.24
N ARG A 23 -22.77 7.58 -17.06
CA ARG A 23 -22.58 8.38 -15.86
C ARG A 23 -23.00 7.62 -14.60
N GLN A 24 -24.02 6.78 -14.70
CA GLN A 24 -24.40 5.91 -13.59
C GLN A 24 -23.35 4.87 -13.28
N ARG A 25 -22.55 4.48 -14.25
CA ARG A 25 -21.49 3.51 -14.05
C ARG A 25 -20.19 4.13 -13.53
N LEU A 26 -19.99 5.42 -13.71
CA LEU A 26 -18.80 6.05 -13.17
C LEU A 26 -18.65 5.83 -11.66
N THR A 27 -17.41 5.77 -11.25
CA THR A 27 -17.09 5.66 -9.82
C THR A 27 -16.02 6.67 -9.44
N LYS A 28 -16.21 7.32 -8.30
CA LYS A 28 -15.12 8.05 -7.65
C LYS A 28 -14.33 7.01 -6.87
N ASN A 29 -13.12 6.67 -7.34
CA ASN A 29 -12.48 5.47 -6.85
C ASN A 29 -11.68 5.79 -5.59
N ALA A 30 -11.02 4.77 -5.08
CA ALA A 30 -10.41 4.89 -3.75
C ALA A 30 -9.36 6.00 -3.70
N GLN A 31 -8.74 6.32 -4.84
CA GLN A 31 -7.71 7.35 -4.92
C GLN A 31 -8.31 8.70 -5.25
N ASP A 32 -9.63 8.86 -5.08
CA ASP A 32 -10.38 10.06 -5.39
C ASP A 32 -10.34 10.41 -6.89
N LYS A 33 -10.21 9.40 -7.74
CA LYS A 33 -10.16 9.62 -9.18
C LYS A 33 -11.45 9.12 -9.82
N LEU A 34 -11.94 9.91 -10.76
CA LEU A 34 -13.14 9.56 -11.53
C LEU A 34 -12.75 8.48 -12.53
N GLU A 35 -13.38 7.32 -12.41
CA GLU A 35 -13.06 6.25 -13.29
C GLU A 35 -14.28 5.60 -13.90
N LEU A 36 -14.07 5.07 -15.08
CA LEU A 36 -15.04 4.27 -15.81
C LEU A 36 -14.42 2.90 -16.02
N HIS A 37 -15.12 1.89 -15.63
CA HIS A 37 -14.76 0.49 -15.81
C HIS A 37 -15.79 -0.16 -16.72
N LEU A 38 -15.30 -0.72 -17.84
CA LEU A 38 -16.13 -1.46 -18.76
C LEU A 38 -15.59 -2.87 -18.89
N PHE A 39 -16.45 -3.83 -19.01
CA PHE A 39 -16.06 -5.25 -19.03
C PHE A 39 -16.99 -6.06 -19.87
N MET A 40 -16.42 -7.03 -20.60
N MET A 40 -16.46 -7.07 -20.56
CA MET A 40 -17.18 -8.05 -21.31
CA MET A 40 -17.28 -8.05 -21.26
C MET A 40 -18.19 -7.44 -22.26
C MET A 40 -18.22 -7.43 -22.27
N LEU A 41 -17.80 -6.36 -22.91
CA LEU A 41 -18.53 -5.75 -24.02
C LEU A 41 -17.87 -6.15 -25.33
N SER A 42 -18.54 -5.86 -26.46
CA SER A 42 -17.97 -6.16 -27.77
C SER A 42 -16.96 -5.11 -28.26
N GLY A 43 -16.93 -3.92 -27.68
CA GLY A 43 -15.90 -2.93 -28.00
C GLY A 43 -16.01 -1.78 -27.03
N ILE A 44 -15.60 -0.58 -27.41
CA ILE A 44 -15.76 0.64 -26.60
C ILE A 44 -16.86 1.48 -27.20
N PRO A 45 -17.94 1.78 -26.46
CA PRO A 45 -18.93 2.72 -26.96
C PRO A 45 -18.33 4.09 -27.21
N ASP A 46 -18.75 4.73 -28.34
CA ASP A 46 -18.23 6.04 -28.67
C ASP A 46 -18.66 7.08 -27.66
N THR A 47 -19.76 6.85 -26.95
CA THR A 47 -20.18 7.80 -25.92
C THR A 47 -19.19 7.91 -24.75
N VAL A 48 -18.27 6.96 -24.63
CA VAL A 48 -17.27 7.06 -23.57
C VAL A 48 -16.57 8.37 -23.71
N PHE A 49 -16.29 8.80 -24.94
CA PHE A 49 -15.37 9.91 -25.13
C PHE A 49 -16.02 11.27 -24.98
N ASP A 50 -17.31 11.29 -24.65
CA ASP A 50 -17.98 12.50 -24.15
C ASP A 50 -17.88 12.67 -22.63
N LEU A 51 -17.28 11.74 -21.93
CA LEU A 51 -17.10 11.89 -20.48
C LEU A 51 -15.83 12.69 -20.17
N VAL A 52 -15.87 14.01 -20.42
CA VAL A 52 -14.64 14.80 -20.48
C VAL A 52 -13.97 14.95 -19.12
N GLU A 53 -14.67 14.62 -18.04
CA GLU A 53 -14.07 14.71 -16.70
C GLU A 53 -13.33 13.45 -16.31
N LEU A 54 -13.31 12.42 -17.16
CA LEU A 54 -12.75 11.14 -16.77
C LEU A 54 -11.24 11.19 -16.56
N GLU A 55 -10.76 10.56 -15.46
CA GLU A 55 -9.34 10.47 -15.18
CA GLU A 55 -9.33 10.47 -15.20
C GLU A 55 -8.75 9.09 -15.42
N VAL A 56 -9.55 8.04 -15.24
CA VAL A 56 -9.14 6.64 -15.31
C VAL A 56 -10.11 5.87 -16.19
N LEU A 57 -9.58 5.17 -17.20
CA LEU A 57 -10.36 4.25 -18.00
C LEU A 57 -9.85 2.84 -17.81
N LYS A 58 -10.75 1.94 -17.41
CA LYS A 58 -10.41 0.54 -17.20
C LYS A 58 -11.19 -0.33 -18.15
N LEU A 59 -10.49 -1.11 -18.97
CA LEU A 59 -11.11 -2.04 -19.92
C LEU A 59 -10.76 -3.48 -19.57
N GLU A 60 -11.78 -4.30 -19.39
CA GLU A 60 -11.58 -5.66 -18.92
C GLU A 60 -12.30 -6.63 -19.84
N LEU A 61 -11.54 -7.56 -20.38
CA LEU A 61 -12.09 -8.67 -21.13
C LEU A 61 -12.97 -8.15 -22.27
N ILE A 62 -12.41 -7.27 -23.08
CA ILE A 62 -13.06 -6.73 -24.26
C ILE A 62 -12.26 -7.17 -25.48
N PRO A 63 -12.87 -7.86 -26.44
CA PRO A 63 -12.10 -8.35 -27.59
C PRO A 63 -11.89 -7.33 -28.71
N ASP A 64 -10.83 -7.54 -29.48
CA ASP A 64 -10.63 -6.84 -30.76
C ASP A 64 -10.73 -5.32 -30.62
N VAL A 65 -10.18 -4.79 -29.56
CA VAL A 65 -10.43 -3.39 -29.23
C VAL A 65 -9.55 -2.51 -30.10
N THR A 66 -10.12 -1.42 -30.63
CA THR A 66 -9.35 -0.34 -31.22
C THR A 66 -9.59 0.94 -30.43
N ILE A 67 -8.52 1.54 -29.93
CA ILE A 67 -8.60 2.81 -29.22
CA ILE A 67 -8.63 2.81 -29.23
C ILE A 67 -8.74 3.91 -30.28
N PRO A 68 -9.84 4.66 -30.30
CA PRO A 68 -10.10 5.60 -31.42
C PRO A 68 -9.59 7.01 -31.16
N PRO A 69 -9.51 7.83 -32.24
CA PRO A 69 -8.94 9.17 -32.09
C PRO A 69 -9.71 10.06 -31.15
N SER A 70 -11.00 9.76 -30.91
CA SER A 70 -11.78 10.53 -29.95
C SER A 70 -11.30 10.38 -28.52
N ILE A 71 -10.37 9.46 -28.26
CA ILE A 71 -9.78 9.42 -26.90
C ILE A 71 -9.14 10.75 -26.55
N ALA A 72 -8.68 11.52 -27.55
CA ALA A 72 -8.12 12.83 -27.26
C ALA A 72 -9.12 13.83 -26.69
N GLN A 73 -10.43 13.56 -26.78
CA GLN A 73 -11.42 14.39 -26.11
C GLN A 73 -11.36 14.30 -24.60
N LEU A 74 -10.79 13.23 -24.08
CA LEU A 74 -10.66 13.01 -22.63
C LEU A 74 -9.39 13.70 -22.15
N THR A 75 -9.47 15.03 -22.06
CA THR A 75 -8.29 15.85 -21.86
C THR A 75 -7.66 15.66 -20.49
N GLY A 76 -8.40 15.10 -19.53
CA GLY A 76 -7.89 14.79 -18.21
C GLY A 76 -7.60 13.32 -17.97
N LEU A 77 -7.62 12.50 -19.01
CA LEU A 77 -7.28 11.09 -18.86
C LEU A 77 -5.84 10.93 -18.43
N LYS A 78 -5.61 10.21 -17.33
CA LYS A 78 -4.25 10.00 -16.81
C LYS A 78 -3.88 8.53 -16.74
N GLU A 79 -4.84 7.66 -16.63
CA GLU A 79 -4.57 6.24 -16.46
C GLU A 79 -5.44 5.37 -17.35
N LEU A 80 -4.81 4.33 -17.87
CA LEU A 80 -5.47 3.32 -18.68
C LEU A 80 -5.12 1.95 -18.14
N TRP A 81 -6.17 1.19 -17.86
CA TRP A 81 -5.99 -0.19 -17.39
C TRP A 81 -6.54 -1.15 -18.44
N LEU A 82 -5.69 -2.08 -18.85
CA LEU A 82 -6.02 -3.09 -19.84
C LEU A 82 -5.95 -4.45 -19.14
N TYR A 83 -7.11 -5.00 -18.81
CA TYR A 83 -7.18 -6.33 -18.23
C TYR A 83 -7.68 -7.32 -19.26
N HIS A 84 -6.77 -8.20 -19.69
CA HIS A 84 -7.09 -9.20 -20.71
C HIS A 84 -7.79 -8.55 -21.91
N THR A 85 -7.22 -7.43 -22.36
CA THR A 85 -7.81 -6.64 -23.43
C THR A 85 -6.66 -6.21 -24.34
N ALA A 86 -6.48 -6.92 -25.46
CA ALA A 86 -5.57 -6.45 -26.50
C ALA A 86 -6.12 -5.16 -27.07
N ALA A 87 -5.23 -4.24 -27.43
CA ALA A 87 -5.70 -2.94 -27.88
C ALA A 87 -4.86 -2.48 -29.06
N LYS A 88 -5.54 -2.26 -30.18
CA LYS A 88 -4.97 -1.65 -31.36
CA LYS A 88 -4.97 -1.65 -31.37
C LYS A 88 -5.16 -0.14 -31.28
N ILE A 89 -4.36 0.60 -32.08
CA ILE A 89 -4.47 2.05 -32.07
C ILE A 89 -3.86 2.57 -33.36
N GLU A 90 -4.39 3.70 -33.87
CA GLU A 90 -3.73 4.47 -34.95
C GLU A 90 -2.97 5.66 -34.39
N ALA A 91 -2.25 6.34 -35.28
CA ALA A 91 -1.29 7.32 -34.84
C ALA A 91 -1.87 8.53 -34.10
N PRO A 92 -3.01 9.08 -34.47
CA PRO A 92 -3.51 10.25 -33.72
C PRO A 92 -3.85 9.91 -32.28
N ALA A 93 -4.57 8.81 -32.04
CA ALA A 93 -4.86 8.38 -30.67
C ALA A 93 -3.58 8.08 -29.90
N LEU A 94 -2.63 7.40 -30.55
CA LEU A 94 -1.35 7.10 -29.88
C LEU A 94 -0.59 8.37 -29.54
N ALA A 95 -0.60 9.39 -30.42
CA ALA A 95 0.14 10.62 -30.12
C ALA A 95 -0.46 11.29 -28.88
N PHE A 96 -1.79 11.21 -28.73
CA PHE A 96 -2.41 11.73 -27.53
C PHE A 96 -1.94 10.97 -26.30
N LEU A 97 -1.95 9.64 -26.37
CA LEU A 97 -1.50 8.87 -25.21
C LEU A 97 -0.02 9.11 -24.91
N ARG A 98 0.79 9.23 -25.97
CA ARG A 98 2.21 9.43 -25.80
C ARG A 98 2.47 10.71 -25.03
N GLU A 99 1.63 11.73 -25.22
CA GLU A 99 1.85 13.04 -24.59
C GLU A 99 1.08 13.26 -23.29
N ASN A 100 0.15 12.39 -22.93
CA ASN A 100 -0.70 12.68 -21.77
C ASN A 100 -0.86 11.54 -20.76
N LEU A 101 -0.66 10.29 -21.14
CA LEU A 101 -0.95 9.20 -20.24
C LEU A 101 0.16 9.07 -19.18
N ARG A 102 -0.25 8.98 -17.93
CA ARG A 102 0.71 8.90 -16.81
C ARG A 102 0.86 7.52 -16.20
N ALA A 103 -0.16 6.69 -16.19
CA ALA A 103 -0.07 5.37 -15.64
C ALA A 103 -0.73 4.36 -16.55
N LEU A 104 -0.10 3.21 -16.70
CA LEU A 104 -0.60 2.12 -17.52
C LEU A 104 -0.55 0.85 -16.71
N HIS A 105 -1.68 0.21 -16.59
CA HIS A 105 -1.81 -1.07 -15.95
C HIS A 105 -2.20 -2.11 -16.97
N ILE A 106 -1.51 -3.24 -16.96
CA ILE A 106 -1.81 -4.31 -17.91
C ILE A 106 -1.80 -5.62 -17.16
N LYS A 107 -2.91 -6.36 -17.25
CA LYS A 107 -2.97 -7.72 -16.77
C LYS A 107 -3.18 -8.61 -17.99
N PHE A 108 -2.29 -9.58 -18.16
CA PHE A 108 -2.26 -10.26 -19.42
C PHE A 108 -1.95 -11.72 -19.19
N THR A 109 -2.42 -12.53 -20.14
CA THR A 109 -2.17 -13.95 -20.18
C THR A 109 -0.93 -14.28 -20.97
N ASP A 110 -0.70 -13.59 -22.09
CA ASP A 110 0.53 -13.80 -22.83
C ASP A 110 0.77 -12.60 -23.74
N ILE A 111 1.78 -12.70 -24.61
CA ILE A 111 2.30 -11.53 -25.29
C ILE A 111 1.23 -10.95 -26.20
N LYS A 112 0.30 -11.80 -26.64
CA LYS A 112 -0.78 -11.33 -27.49
C LYS A 112 -1.57 -10.21 -26.82
N GLU A 113 -1.55 -10.11 -25.51
CA GLU A 113 -2.31 -9.08 -24.84
C GLU A 113 -1.43 -7.90 -24.41
N ILE A 114 -0.21 -7.82 -24.92
CA ILE A 114 0.67 -6.68 -24.68
C ILE A 114 0.71 -5.82 -25.94
N PRO A 115 0.21 -4.58 -25.89
CA PRO A 115 0.28 -3.75 -27.11
C PRO A 115 1.72 -3.40 -27.43
N LEU A 116 2.13 -3.58 -28.69
CA LEU A 116 3.53 -3.25 -28.98
C LEU A 116 3.84 -1.76 -28.86
N TRP A 117 2.81 -0.89 -28.87
CA TRP A 117 3.03 0.55 -28.83
C TRP A 117 3.29 1.08 -27.42
N ILE A 118 3.16 0.26 -26.37
CA ILE A 118 3.28 0.82 -25.03
C ILE A 118 4.67 1.37 -24.74
N TYR A 119 5.73 0.81 -25.33
CA TYR A 119 7.08 1.28 -25.03
C TYR A 119 7.34 2.65 -25.60
N SER A 120 6.50 3.13 -26.52
CA SER A 120 6.60 4.46 -27.08
C SER A 120 5.84 5.51 -26.26
N LEU A 121 5.36 5.16 -25.05
CA LEU A 121 4.59 6.11 -24.27
C LEU A 121 5.53 6.96 -23.45
N LYS A 122 6.00 8.01 -24.10
CA LYS A 122 7.16 8.73 -23.65
C LYS A 122 6.91 9.49 -22.37
N THR A 123 5.68 9.86 -22.02
CA THR A 123 5.51 10.56 -20.76
C THR A 123 4.99 9.68 -19.63
N LEU A 124 4.95 8.37 -19.82
CA LEU A 124 4.43 7.51 -18.78
C LEU A 124 5.30 7.60 -17.52
N GLU A 125 4.63 7.72 -16.37
CA GLU A 125 5.31 7.73 -15.06
C GLU A 125 5.10 6.44 -14.28
N GLU A 126 4.08 5.65 -14.58
CA GLU A 126 3.89 4.38 -13.89
C GLU A 126 3.49 3.26 -14.83
N LEU A 127 4.09 2.10 -14.58
CA LEU A 127 3.72 0.90 -15.31
C LEU A 127 3.52 -0.25 -14.34
N HIS A 128 2.37 -0.93 -14.46
CA HIS A 128 1.98 -2.01 -13.55
C HIS A 128 1.68 -3.21 -14.42
N LEU A 129 2.46 -4.25 -14.30
CA LEU A 129 2.27 -5.46 -15.10
C LEU A 129 1.94 -6.66 -14.22
N THR A 130 0.88 -7.33 -14.59
CA THR A 130 0.50 -8.59 -13.94
C THR A 130 0.45 -9.69 -15.01
N GLY A 131 1.36 -10.65 -14.92
CA GLY A 131 1.42 -11.72 -15.89
C GLY A 131 2.84 -12.18 -16.12
N ASN A 132 2.98 -13.27 -16.87
CA ASN A 132 4.30 -13.83 -17.16
C ASN A 132 5.09 -12.97 -18.14
N LEU A 133 6.35 -12.67 -17.82
CA LEU A 133 7.07 -11.72 -18.66
C LEU A 133 7.93 -12.34 -19.77
N SER A 134 7.93 -13.66 -19.93
CA SER A 134 8.91 -14.31 -20.77
C SER A 134 8.25 -15.18 -21.82
N ALA A 135 9.03 -15.49 -22.86
CA ALA A 135 8.69 -16.47 -23.88
C ALA A 135 9.91 -17.34 -24.15
N GLU A 136 9.72 -18.38 -24.94
CA GLU A 136 10.82 -19.28 -25.29
C GLU A 136 11.93 -18.48 -25.96
N ASN A 137 13.15 -18.64 -25.47
CA ASN A 137 14.32 -17.94 -26.00
C ASN A 137 14.16 -16.42 -25.96
N ASN A 138 13.32 -15.92 -25.07
CA ASN A 138 12.99 -14.50 -24.98
C ASN A 138 12.73 -14.10 -23.53
N ARG A 139 13.68 -14.36 -22.65
CA ARG A 139 13.45 -14.06 -21.25
C ARG A 139 13.24 -12.57 -21.02
N TYR A 140 12.16 -12.26 -20.31
CA TYR A 140 11.82 -10.89 -19.92
C TYR A 140 11.62 -9.95 -21.13
N ILE A 141 11.31 -10.48 -22.31
CA ILE A 141 11.18 -9.62 -23.51
C ILE A 141 10.11 -8.56 -23.29
N VAL A 142 9.08 -8.87 -22.52
CA VAL A 142 7.99 -7.94 -22.30
C VAL A 142 8.48 -6.64 -21.68
N ILE A 143 9.65 -6.66 -21.02
CA ILE A 143 10.15 -5.45 -20.40
C ILE A 143 11.48 -4.99 -20.97
N ASP A 144 12.01 -5.67 -21.99
CA ASP A 144 13.20 -5.17 -22.68
C ASP A 144 13.03 -3.70 -23.06
N GLY A 145 11.85 -3.30 -23.50
CA GLY A 145 11.60 -1.93 -23.88
C GLY A 145 11.42 -0.92 -22.81
N LEU A 146 11.61 -1.29 -21.53
CA LEU A 146 11.47 -0.32 -20.46
C LEU A 146 12.44 0.83 -20.61
N ARG A 147 13.60 0.60 -21.21
CA ARG A 147 14.59 1.66 -21.33
C ARG A 147 14.02 2.88 -22.00
N GLU A 148 13.06 2.71 -22.92
CA GLU A 148 12.55 3.85 -23.66
C GLU A 148 11.56 4.65 -22.85
N LEU A 149 11.08 4.10 -21.73
CA LEU A 149 10.15 4.83 -20.89
C LEU A 149 10.96 5.68 -19.92
N LYS A 150 11.48 6.79 -20.44
CA LYS A 150 12.51 7.55 -19.74
C LYS A 150 11.98 8.42 -18.61
N ARG A 151 10.68 8.55 -18.50
CA ARG A 151 10.06 9.33 -17.44
C ARG A 151 9.50 8.46 -16.33
N LEU A 152 9.71 7.15 -16.41
CA LEU A 152 9.06 6.23 -15.50
C LEU A 152 9.58 6.43 -14.08
N LYS A 153 8.65 6.53 -13.16
CA LYS A 153 8.92 6.66 -11.72
C LYS A 153 8.57 5.44 -10.91
N VAL A 154 7.57 4.66 -11.36
CA VAL A 154 6.98 3.55 -10.60
C VAL A 154 6.87 2.37 -11.54
N LEU A 155 7.44 1.25 -11.14
CA LEU A 155 7.33 -0.03 -11.82
C LEU A 155 6.83 -1.05 -10.82
N ARG A 156 5.72 -1.69 -11.17
CA ARG A 156 5.14 -2.75 -10.37
C ARG A 156 5.07 -4.01 -11.21
N LEU A 157 5.60 -5.08 -10.69
CA LEU A 157 5.62 -6.37 -11.37
C LEU A 157 4.99 -7.46 -10.51
N LYS A 158 4.00 -8.17 -11.06
CA LYS A 158 3.43 -9.34 -10.43
C LYS A 158 3.53 -10.46 -11.47
N SER A 159 4.68 -11.11 -11.48
CA SER A 159 5.09 -11.91 -12.62
C SER A 159 5.88 -13.18 -12.26
N ASN A 160 5.89 -13.62 -11.00
CA ASN A 160 6.52 -14.87 -10.60
C ASN A 160 7.97 -14.97 -11.09
N LEU A 161 8.76 -13.96 -10.75
CA LEU A 161 10.13 -13.88 -11.21
C LEU A 161 11.06 -14.72 -10.36
N SER A 162 11.89 -15.52 -11.03
CA SER A 162 12.99 -16.22 -10.37
C SER A 162 14.11 -15.25 -9.99
N LYS A 163 14.27 -14.16 -10.75
CA LYS A 163 15.32 -13.20 -10.47
C LYS A 163 14.84 -11.83 -10.88
N LEU A 164 15.53 -10.80 -10.43
CA LEU A 164 15.18 -9.46 -10.89
C LEU A 164 15.80 -9.23 -12.26
N PRO A 165 15.01 -8.94 -13.27
CA PRO A 165 15.59 -8.82 -14.61
C PRO A 165 16.65 -7.71 -14.69
N GLN A 166 17.70 -7.97 -15.46
CA GLN A 166 18.73 -6.96 -15.62
C GLN A 166 18.14 -5.64 -16.13
N VAL A 167 17.14 -5.71 -17.01
CA VAL A 167 16.62 -4.46 -17.58
C VAL A 167 15.99 -3.58 -16.53
N VAL A 168 15.47 -4.18 -15.45
CA VAL A 168 14.89 -3.41 -14.38
C VAL A 168 15.99 -2.63 -13.70
N THR A 169 16.99 -3.37 -13.18
CA THR A 169 18.14 -2.78 -12.50
C THR A 169 18.79 -1.71 -13.34
N ASP A 170 18.70 -1.82 -14.67
CA ASP A 170 19.29 -0.77 -15.50
C ASP A 170 18.47 0.52 -15.42
N VAL A 171 17.14 0.44 -15.27
CA VAL A 171 16.30 1.65 -15.24
C VAL A 171 16.39 2.36 -13.88
N GLY A 172 17.37 1.99 -13.06
CA GLY A 172 17.48 2.54 -11.72
C GLY A 172 17.89 4.00 -11.64
N VAL A 173 18.27 4.63 -12.75
CA VAL A 173 18.72 6.01 -12.66
C VAL A 173 17.56 6.91 -12.30
N HIS A 174 16.35 6.58 -12.79
CA HIS A 174 15.22 7.49 -12.66
C HIS A 174 14.07 6.89 -11.87
N LEU A 175 13.98 5.58 -11.80
CA LEU A 175 12.89 4.97 -11.04
C LEU A 175 12.96 5.37 -9.57
N GLN A 176 11.80 5.64 -9.03
CA GLN A 176 11.62 6.02 -7.64
C GLN A 176 11.01 4.92 -6.78
N LYS A 177 10.12 4.10 -7.37
CA LYS A 177 9.42 3.05 -6.63
C LYS A 177 9.43 1.77 -7.44
N LEU A 178 9.97 0.73 -6.85
CA LEU A 178 9.91 -0.60 -7.39
C LEU A 178 9.08 -1.50 -6.48
N SER A 179 8.07 -2.15 -7.04
CA SER A 179 7.21 -3.04 -6.26
C SER A 179 7.13 -4.38 -6.96
N ILE A 180 7.58 -5.42 -6.27
CA ILE A 180 7.49 -6.78 -6.77
C ILE A 180 6.56 -7.58 -5.87
N ASN A 181 5.44 -8.13 -6.43
CA ASN A 181 4.65 -9.13 -5.69
C ASN A 181 4.83 -10.46 -6.42
N ASN A 182 5.56 -11.39 -5.80
CA ASN A 182 5.97 -12.62 -6.48
C ASN A 182 5.07 -13.79 -6.14
N GLU A 183 3.96 -13.57 -5.44
CA GLU A 183 2.99 -14.63 -5.13
C GLU A 183 3.67 -15.89 -4.58
N GLY A 184 4.66 -15.68 -3.76
CA GLY A 184 5.33 -16.77 -3.08
C GLY A 184 6.46 -17.42 -3.86
N THR A 185 6.70 -16.97 -5.10
CA THR A 185 7.82 -17.45 -5.86
C THR A 185 9.10 -16.83 -5.30
N LYS A 186 10.12 -17.64 -5.09
CA LYS A 186 11.33 -17.13 -4.46
C LYS A 186 12.07 -16.25 -5.46
N LEU A 187 12.28 -14.99 -5.10
CA LEU A 187 13.08 -14.07 -5.89
C LEU A 187 14.54 -14.13 -5.42
N ILE A 188 15.47 -14.32 -6.34
CA ILE A 188 16.89 -14.18 -6.07
C ILE A 188 17.37 -12.81 -6.55
N VAL A 189 17.95 -12.03 -5.64
CA VAL A 189 18.33 -10.65 -5.89
C VAL A 189 19.79 -10.54 -6.32
N LEU A 190 20.68 -11.22 -5.59
CA LEU A 190 22.08 -11.45 -5.96
C LEU A 190 22.69 -10.26 -6.68
N ASN A 191 22.93 -9.20 -5.89
CA ASN A 191 23.81 -8.07 -6.14
C ASN A 191 23.39 -7.11 -7.26
N SER A 192 22.44 -7.48 -8.12
CA SER A 192 22.10 -6.58 -9.22
C SER A 192 21.28 -5.37 -8.74
N LEU A 193 20.51 -5.54 -7.66
CA LEU A 193 19.65 -4.46 -7.16
C LEU A 193 20.46 -3.24 -6.77
N LYS A 194 21.77 -3.39 -6.54
CA LYS A 194 22.59 -2.27 -6.10
C LYS A 194 22.55 -1.11 -7.09
N LYS A 195 22.15 -1.37 -8.33
CA LYS A 195 22.19 -0.34 -9.36
C LYS A 195 21.02 0.64 -9.28
N MET A 196 20.03 0.40 -8.41
N MET A 196 20.03 0.38 -8.42
CA MET A 196 18.83 1.23 -8.41
CA MET A 196 18.82 1.22 -8.39
C MET A 196 18.96 2.38 -7.41
C MET A 196 18.96 2.38 -7.40
N VAL A 197 19.92 3.24 -7.69
CA VAL A 197 20.37 4.21 -6.71
C VAL A 197 19.35 5.29 -6.45
N ASN A 198 18.39 5.52 -7.36
CA ASN A 198 17.44 6.61 -7.19
C ASN A 198 16.17 6.21 -6.42
N LEU A 199 16.02 4.94 -6.10
CA LEU A 199 14.84 4.41 -5.46
C LEU A 199 14.66 4.99 -4.08
N THR A 200 13.46 5.49 -3.83
CA THR A 200 13.06 5.90 -2.51
C THR A 200 12.08 4.94 -1.86
N GLU A 201 11.39 4.10 -2.64
CA GLU A 201 10.43 3.14 -2.10
C GLU A 201 10.66 1.78 -2.75
N LEU A 202 10.78 0.77 -1.91
CA LEU A 202 11.00 -0.59 -2.36
C LEU A 202 10.02 -1.51 -1.67
N GLU A 203 9.27 -2.26 -2.46
CA GLU A 203 8.38 -3.30 -1.95
C GLU A 203 8.77 -4.63 -2.58
N LEU A 204 9.19 -5.57 -1.75
CA LEU A 204 9.43 -6.95 -2.19
C LEU A 204 8.47 -7.84 -1.39
N ILE A 205 7.29 -8.08 -1.96
CA ILE A 205 6.17 -8.70 -1.28
C ILE A 205 6.08 -10.14 -1.74
N ARG A 206 5.90 -11.07 -0.81
CA ARG A 206 5.62 -12.46 -1.16
C ARG A 206 6.68 -12.98 -2.13
N CYS A 207 7.94 -12.70 -1.82
CA CYS A 207 9.08 -13.09 -2.64
C CYS A 207 9.89 -14.21 -2.00
N ASP A 208 9.38 -14.83 -0.95
CA ASP A 208 10.05 -15.92 -0.23
C ASP A 208 11.54 -15.61 -0.02
N LEU A 209 11.81 -14.41 0.47
CA LEU A 209 13.21 -13.98 0.55
C LEU A 209 13.97 -14.74 1.62
N GLU A 210 13.29 -15.07 2.72
CA GLU A 210 13.88 -15.77 3.88
C GLU A 210 14.93 -14.98 4.66
N ARG A 211 15.84 -14.31 3.96
CA ARG A 211 16.79 -13.40 4.57
C ARG A 211 16.72 -12.08 3.84
N ILE A 212 16.84 -10.98 4.57
CA ILE A 212 16.92 -9.67 3.94
C ILE A 212 18.09 -9.58 2.98
N PRO A 213 17.86 -9.30 1.70
CA PRO A 213 18.97 -9.33 0.73
C PRO A 213 19.97 -8.17 0.89
N HIS A 214 21.25 -8.51 0.80
CA HIS A 214 22.34 -7.57 1.05
CA HIS A 214 22.29 -7.53 1.09
C HIS A 214 22.33 -6.40 0.07
N SER A 215 21.84 -6.63 -1.15
CA SER A 215 21.78 -5.56 -2.13
C SER A 215 21.07 -4.30 -1.61
N ILE A 216 20.08 -4.47 -0.72
CA ILE A 216 19.30 -3.34 -0.25
C ILE A 216 20.16 -2.27 0.40
N PHE A 217 21.30 -2.67 0.99
CA PHE A 217 22.15 -1.75 1.74
C PHE A 217 22.81 -0.72 0.84
N SER A 218 22.88 -0.98 -0.46
CA SER A 218 23.45 -0.02 -1.39
C SER A 218 22.48 1.04 -1.82
N LEU A 219 21.20 0.94 -1.41
CA LEU A 219 20.17 1.86 -1.90
C LEU A 219 20.04 3.05 -0.97
N HIS A 220 21.01 3.96 -1.05
CA HIS A 220 21.20 4.93 0.02
C HIS A 220 20.16 6.02 0.00
N ASN A 221 19.25 6.05 -1.01
CA ASN A 221 18.16 7.01 -1.02
C ASN A 221 16.84 6.45 -0.51
N LEU A 222 16.81 5.17 -0.11
CA LEU A 222 15.57 4.55 0.35
C LEU A 222 14.98 5.28 1.53
N GLN A 223 13.69 5.62 1.38
CA GLN A 223 12.87 6.14 2.46
C GLN A 223 11.92 5.11 3.04
N GLU A 224 11.45 4.17 2.22
CA GLU A 224 10.46 3.21 2.68
C GLU A 224 10.77 1.83 2.13
N ILE A 225 10.68 0.82 2.97
CA ILE A 225 10.95 -0.56 2.57
C ILE A 225 9.79 -1.43 3.09
N ASP A 226 9.28 -2.33 2.25
CA ASP A 226 8.20 -3.25 2.63
C ASP A 226 8.63 -4.65 2.21
N LEU A 227 8.79 -5.54 3.18
CA LEU A 227 9.17 -6.91 2.93
C LEU A 227 8.10 -7.86 3.48
N LYS A 228 6.84 -7.49 3.36
CA LYS A 228 5.72 -8.34 3.72
C LYS A 228 5.85 -9.77 3.19
N ASP A 229 5.57 -10.73 4.08
CA ASP A 229 5.38 -12.14 3.72
C ASP A 229 6.56 -12.74 2.95
N ASN A 230 7.71 -12.77 3.60
CA ASN A 230 8.92 -13.36 3.03
C ASN A 230 9.52 -14.47 3.89
N ASN A 231 8.76 -14.95 4.85
CA ASN A 231 9.20 -16.00 5.76
C ASN A 231 10.49 -15.61 6.47
N LEU A 232 10.64 -14.32 6.78
CA LEU A 232 11.78 -13.89 7.57
C LEU A 232 11.62 -14.42 8.99
N LYS A 233 12.67 -15.11 9.48
CA LYS A 233 12.77 -15.60 10.84
C LYS A 233 13.69 -14.72 11.70
N THR A 234 14.83 -14.30 11.16
CA THR A 234 15.75 -13.41 11.87
C THR A 234 16.08 -12.23 10.97
N ILE A 235 16.37 -11.07 11.58
CA ILE A 235 16.61 -9.85 10.82
C ILE A 235 17.84 -9.11 11.31
N GLU A 236 18.90 -9.87 11.63
CA GLU A 236 20.17 -9.26 12.03
C GLU A 236 20.70 -8.31 10.97
N GLU A 237 20.32 -8.54 9.71
CA GLU A 237 20.78 -7.73 8.60
C GLU A 237 20.37 -6.26 8.70
N ILE A 238 19.37 -5.92 9.51
CA ILE A 238 19.05 -4.51 9.65
C ILE A 238 20.21 -3.68 10.19
N ILE A 239 21.28 -4.28 10.72
CA ILE A 239 22.42 -3.50 11.15
C ILE A 239 22.90 -2.61 10.02
N SER A 240 22.80 -3.09 8.78
CA SER A 240 23.28 -2.33 7.63
C SER A 240 22.29 -1.27 7.19
N PHE A 241 21.05 -1.32 7.67
CA PHE A 241 20.16 -0.18 7.44
C PHE A 241 20.64 1.09 8.13
N GLN A 242 21.55 0.99 9.11
CA GLN A 242 21.95 2.19 9.83
C GLN A 242 22.58 3.23 8.92
N HIS A 243 22.96 2.80 7.72
CA HIS A 243 23.62 3.66 6.76
C HIS A 243 22.65 4.26 5.76
N LEU A 244 21.37 3.92 5.86
CA LEU A 244 20.33 4.44 4.98
C LEU A 244 19.68 5.61 5.70
N HIS A 245 20.26 6.79 5.49
CA HIS A 245 19.97 7.94 6.33
C HIS A 245 18.61 8.55 6.14
N ARG A 246 17.90 8.21 5.07
CA ARG A 246 16.58 8.77 4.81
C ARG A 246 15.48 7.78 5.16
N LEU A 247 15.81 6.65 5.78
CA LEU A 247 14.85 5.60 5.98
C LEU A 247 13.91 6.00 7.09
N THR A 248 12.63 6.21 6.75
CA THR A 248 11.66 6.60 7.73
C THR A 248 10.51 5.58 7.92
N CYS A 249 10.39 4.56 7.08
CA CYS A 249 9.27 3.63 7.11
C CYS A 249 9.85 2.24 6.88
N LEU A 250 9.77 1.38 7.89
CA LEU A 250 10.21 0.00 7.75
C LEU A 250 9.06 -0.96 8.02
N LYS A 251 8.67 -1.72 6.99
CA LYS A 251 7.60 -2.70 7.13
C LYS A 251 8.15 -4.11 7.02
N LEU A 252 8.23 -4.81 8.15
CA LEU A 252 8.62 -6.21 8.17
C LEU A 252 7.45 -7.08 8.66
N TRP A 253 6.26 -6.52 8.55
CA TRP A 253 5.04 -7.25 8.93
C TRP A 253 4.83 -8.54 8.14
N TYR A 254 4.02 -9.41 8.73
CA TYR A 254 3.64 -10.69 8.13
C TYR A 254 4.85 -11.55 7.76
N ASN A 255 5.65 -11.85 8.77
CA ASN A 255 6.77 -12.76 8.60
C ASN A 255 6.74 -13.70 9.79
N HIS A 256 7.87 -14.38 10.05
CA HIS A 256 8.01 -15.31 11.18
C HIS A 256 9.09 -14.82 12.13
N ILE A 257 9.24 -13.50 12.30
CA ILE A 257 10.39 -12.96 13.02
C ILE A 257 10.30 -13.32 14.50
N ALA A 258 11.36 -13.91 15.04
CA ALA A 258 11.39 -14.43 16.40
C ALA A 258 11.89 -13.41 17.43
N TYR A 259 12.67 -12.42 17.03
CA TYR A 259 13.14 -11.41 17.97
C TYR A 259 13.56 -10.17 17.18
N ILE A 260 13.64 -9.07 17.90
CA ILE A 260 14.07 -7.78 17.33
C ILE A 260 15.53 -7.55 17.74
N PRO A 261 16.47 -7.50 16.77
CA PRO A 261 17.88 -7.19 17.11
C PRO A 261 18.01 -5.79 17.70
N ILE A 262 18.91 -5.67 18.68
CA ILE A 262 19.12 -4.39 19.35
C ILE A 262 19.54 -3.29 18.38
N GLN A 263 20.19 -3.65 17.28
CA GLN A 263 20.57 -2.59 16.33
C GLN A 263 19.38 -1.88 15.67
N ILE A 264 18.15 -2.31 15.91
CA ILE A 264 17.04 -1.54 15.40
C ILE A 264 17.10 -0.10 15.94
N GLY A 265 17.68 0.09 17.13
CA GLY A 265 17.80 1.40 17.76
C GLY A 265 18.76 2.37 17.04
N ASN A 266 19.58 1.88 16.15
CA ASN A 266 20.39 2.75 15.31
C ASN A 266 19.69 3.19 14.03
N LEU A 267 18.43 2.84 13.85
CA LEU A 267 17.63 3.36 12.72
C LEU A 267 16.87 4.58 13.24
N THR A 268 17.64 5.64 13.53
CA THR A 268 17.12 6.74 14.33
C THR A 268 16.18 7.65 13.57
N ASN A 269 16.09 7.52 12.25
CA ASN A 269 15.12 8.33 11.52
C ASN A 269 13.81 7.61 11.27
N LEU A 270 13.57 6.45 11.90
CA LEU A 270 12.31 5.76 11.70
C LEU A 270 11.13 6.55 12.26
N GLU A 271 10.09 6.73 11.43
CA GLU A 271 8.83 7.30 11.90
C GLU A 271 7.69 6.31 11.91
N ARG A 272 7.77 5.27 11.08
CA ARG A 272 6.75 4.24 11.01
C ARG A 272 7.48 2.92 10.96
N LEU A 273 7.13 2.05 11.90
CA LEU A 273 7.70 0.72 12.02
C LEU A 273 6.59 -0.29 12.21
N TYR A 274 6.45 -1.23 11.25
CA TYR A 274 5.42 -2.27 11.25
C TYR A 274 6.14 -3.60 11.41
N LEU A 275 5.94 -4.24 12.58
CA LEU A 275 6.46 -5.54 12.98
C LEU A 275 5.29 -6.49 13.32
N ASN A 276 4.08 -6.11 12.94
CA ASN A 276 2.90 -6.92 13.29
C ASN A 276 2.90 -8.23 12.49
N ARG A 277 2.22 -9.24 13.04
CA ARG A 277 2.09 -10.57 12.42
C ARG A 277 3.46 -11.23 12.28
N ASN A 278 4.11 -11.39 13.42
CA ASN A 278 5.41 -12.09 13.54
C ASN A 278 5.36 -12.95 14.80
N LYS A 279 6.51 -13.30 15.36
CA LYS A 279 6.57 -14.25 16.47
C LYS A 279 7.35 -13.68 17.64
N ILE A 280 7.30 -12.37 17.84
CA ILE A 280 8.23 -11.69 18.74
C ILE A 280 7.69 -11.78 20.15
N GLU A 281 8.57 -12.07 21.09
CA GLU A 281 8.17 -12.29 22.48
C GLU A 281 8.45 -11.10 23.39
N LYS A 282 9.41 -10.26 23.04
CA LYS A 282 9.72 -9.11 23.85
C LYS A 282 10.32 -8.01 22.96
N ILE A 283 10.32 -6.81 23.51
CA ILE A 283 10.83 -5.63 22.84
C ILE A 283 12.15 -5.24 23.46
N PRO A 284 13.27 -5.21 22.71
CA PRO A 284 14.52 -4.73 23.30
C PRO A 284 14.41 -3.26 23.66
N THR A 285 15.03 -2.86 24.76
CA THR A 285 14.93 -1.49 25.19
C THR A 285 15.54 -0.56 24.16
N GLN A 286 16.46 -1.07 23.36
CA GLN A 286 17.13 -0.23 22.35
C GLN A 286 16.18 0.25 21.26
N LEU A 287 15.05 -0.43 21.05
CA LEU A 287 14.06 0.05 20.13
C LEU A 287 13.63 1.47 20.46
N PHE A 288 13.60 1.84 21.72
CA PHE A 288 13.15 3.17 22.10
C PHE A 288 14.19 4.23 21.90
N TYR A 289 15.30 3.92 21.20
CA TYR A 289 16.17 4.95 20.71
C TYR A 289 15.67 5.45 19.37
N CYS A 290 14.64 4.81 18.82
CA CYS A 290 14.04 5.26 17.56
C CYS A 290 13.05 6.36 17.91
N ARG A 291 13.60 7.50 18.31
CA ARG A 291 12.80 8.47 19.03
C ARG A 291 11.96 9.36 18.12
N LYS A 292 12.06 9.22 16.82
CA LYS A 292 11.12 9.93 15.97
C LYS A 292 9.88 9.08 15.64
N LEU A 293 9.75 7.92 16.25
CA LEU A 293 8.64 7.04 15.89
C LEU A 293 7.30 7.72 16.14
N ARG A 294 6.46 7.68 15.10
CA ARG A 294 5.07 8.13 15.17
C ARG A 294 4.06 7.00 15.10
N TYR A 295 4.35 5.99 14.28
CA TYR A 295 3.48 4.84 14.10
C TYR A 295 4.26 3.59 14.48
N LEU A 296 3.73 2.80 15.41
CA LEU A 296 4.38 1.56 15.83
C LEU A 296 3.35 0.45 15.90
N ASP A 297 3.52 -0.60 15.11
CA ASP A 297 2.56 -1.70 15.12
C ASP A 297 3.29 -2.97 15.48
N LEU A 298 2.94 -3.55 16.61
CA LEU A 298 3.50 -4.78 17.15
C LEU A 298 2.40 -5.82 17.37
N SER A 299 1.27 -5.62 16.70
CA SER A 299 0.10 -6.47 16.83
C SER A 299 0.40 -7.89 16.36
N HIS A 300 -0.32 -8.85 16.95
CA HIS A 300 -0.22 -10.24 16.51
C HIS A 300 1.22 -10.72 16.60
N ASN A 301 1.82 -10.46 17.77
CA ASN A 301 3.04 -11.12 18.18
C ASN A 301 2.77 -11.90 19.47
N ASN A 302 3.78 -12.10 20.31
CA ASN A 302 3.67 -12.87 21.56
C ASN A 302 4.12 -12.05 22.77
N LEU A 303 3.86 -10.75 22.72
CA LEU A 303 4.34 -9.86 23.77
C LEU A 303 3.56 -10.05 25.06
N THR A 304 4.29 -10.14 26.20
CA THR A 304 3.66 -10.15 27.51
C THR A 304 3.65 -8.78 28.18
N PHE A 305 4.61 -7.91 27.89
CA PHE A 305 4.64 -6.62 28.55
C PHE A 305 5.26 -5.57 27.63
N LEU A 306 4.99 -4.30 27.94
CA LEU A 306 5.56 -3.16 27.24
C LEU A 306 6.61 -2.50 28.13
N PRO A 307 7.86 -2.37 27.70
CA PRO A 307 8.87 -1.74 28.57
C PRO A 307 8.54 -0.30 28.92
N ALA A 308 8.92 0.08 30.14
CA ALA A 308 8.75 1.45 30.62
C ALA A 308 9.38 2.47 29.66
N ASP A 309 10.43 2.08 28.93
CA ASP A 309 11.10 2.99 28.01
C ASP A 309 10.21 3.40 26.83
N ILE A 310 9.02 2.82 26.69
CA ILE A 310 8.17 3.30 25.61
C ILE A 310 7.83 4.78 25.83
N GLY A 311 7.86 5.23 27.09
CA GLY A 311 7.57 6.60 27.44
C GLY A 311 8.53 7.60 26.82
N LEU A 312 9.67 7.13 26.32
CA LEU A 312 10.63 7.97 25.64
C LEU A 312 10.26 8.28 24.20
N LEU A 313 9.25 7.62 23.65
CA LEU A 313 8.79 7.88 22.30
C LEU A 313 7.83 9.07 22.32
N GLN A 314 8.40 10.27 22.46
CA GLN A 314 7.60 11.47 22.66
C GLN A 314 6.74 11.84 21.45
N ASN A 315 7.03 11.32 20.26
CA ASN A 315 6.26 11.64 19.08
C ASN A 315 5.28 10.54 18.72
N LEU A 316 5.11 9.54 19.59
CA LEU A 316 4.25 8.41 19.25
C LEU A 316 2.81 8.89 19.12
N GLN A 317 2.19 8.54 18.03
CA GLN A 317 0.80 8.95 17.77
C GLN A 317 -0.16 7.79 17.61
N ASN A 318 0.29 6.69 17.02
CA ASN A 318 -0.54 5.52 16.78
CA ASN A 318 -0.54 5.53 16.77
C ASN A 318 0.22 4.30 17.23
N LEU A 319 -0.31 3.61 18.21
CA LEU A 319 0.32 2.40 18.74
C LEU A 319 -0.67 1.24 18.68
N ALA A 320 -0.26 0.16 18.04
CA ALA A 320 -1.09 -1.05 18.02
C ALA A 320 -0.31 -2.23 18.60
N VAL A 321 -0.94 -2.90 19.54
CA VAL A 321 -0.43 -4.14 20.11
C VAL A 321 -1.58 -5.16 20.18
N THR A 322 -2.49 -5.11 19.22
CA THR A 322 -3.60 -6.06 19.20
C THR A 322 -3.10 -7.50 19.19
N ALA A 323 -3.83 -8.37 19.88
CA ALA A 323 -3.67 -9.82 19.79
C ALA A 323 -2.27 -10.26 20.24
N ASN A 324 -1.82 -9.68 21.34
CA ASN A 324 -0.69 -10.18 22.07
C ASN A 324 -1.27 -10.77 23.36
N ARG A 325 -0.48 -10.79 24.42
CA ARG A 325 -0.96 -11.32 25.71
C ARG A 325 -0.56 -10.41 26.86
N ILE A 326 -0.80 -9.12 26.66
CA ILE A 326 -0.29 -8.11 27.57
C ILE A 326 -1.23 -8.05 28.76
N GLU A 327 -0.65 -8.19 29.96
CA GLU A 327 -1.36 -8.20 31.22
C GLU A 327 -1.69 -6.80 31.72
N ALA A 328 -0.79 -5.84 31.53
CA ALA A 328 -0.99 -4.50 32.05
C ALA A 328 -0.20 -3.49 31.22
N LEU A 329 -0.62 -2.22 31.32
CA LEU A 329 0.10 -1.19 30.57
C LEU A 329 1.04 -0.45 31.49
N PRO A 330 2.30 -0.22 31.13
CA PRO A 330 3.18 0.55 32.03
C PRO A 330 2.65 1.96 32.15
N PRO A 331 2.75 2.57 33.34
CA PRO A 331 2.32 3.97 33.48
C PRO A 331 3.06 4.92 32.55
N GLU A 332 4.31 4.63 32.21
CA GLU A 332 5.10 5.53 31.36
C GLU A 332 4.55 5.65 29.94
N LEU A 333 3.75 4.68 29.48
CA LEU A 333 3.13 4.85 28.18
C LEU A 333 2.37 6.16 28.08
N PHE A 334 1.77 6.61 29.19
CA PHE A 334 0.93 7.81 29.15
C PHE A 334 1.74 9.08 29.26
N GLN A 335 3.09 8.98 29.25
CA GLN A 335 3.94 10.13 28.97
C GLN A 335 3.90 10.47 27.49
N CYS A 336 3.46 9.53 26.65
CA CYS A 336 3.39 9.73 25.20
C CYS A 336 2.16 10.59 24.92
N ARG A 337 2.34 11.90 25.09
CA ARG A 337 1.22 12.83 25.06
C ARG A 337 0.56 12.96 23.69
N LYS A 338 1.23 12.57 22.61
CA LYS A 338 0.69 12.80 21.27
C LYS A 338 -0.15 11.62 20.78
N LEU A 339 -0.37 10.61 21.60
CA LEU A 339 -1.10 9.44 21.17
C LEU A 339 -2.48 9.88 20.72
N ARG A 340 -2.88 9.39 19.55
CA ARG A 340 -4.22 9.59 19.00
C ARG A 340 -5.00 8.29 18.95
N ALA A 341 -4.30 7.19 18.79
CA ALA A 341 -4.88 5.88 18.58
C ALA A 341 -4.11 4.89 19.43
N LEU A 342 -4.86 4.05 20.14
CA LEU A 342 -4.31 2.96 20.96
C LEU A 342 -5.09 1.69 20.65
N HIS A 343 -4.50 0.76 19.92
CA HIS A 343 -5.15 -0.50 19.56
C HIS A 343 -4.69 -1.56 20.55
N LEU A 344 -5.56 -1.90 21.50
CA LEU A 344 -5.19 -2.79 22.60
C LEU A 344 -6.02 -4.07 22.65
N GLY A 345 -6.82 -4.34 21.60
CA GLY A 345 -7.76 -5.45 21.65
C GLY A 345 -7.06 -6.79 21.75
N ASN A 346 -7.84 -7.80 22.18
CA ASN A 346 -7.40 -9.20 22.21
C ASN A 346 -6.10 -9.40 22.98
N ASN A 347 -5.97 -8.68 24.07
CA ASN A 347 -4.92 -8.92 25.02
C ASN A 347 -5.57 -9.50 26.25
N VAL A 348 -4.84 -9.52 27.36
CA VAL A 348 -5.42 -10.00 28.62
C VAL A 348 -5.35 -8.88 29.64
N LEU A 349 -5.57 -7.64 29.22
CA LEU A 349 -5.51 -6.52 30.14
C LEU A 349 -6.55 -6.73 31.24
N GLN A 350 -6.10 -6.59 32.49
CA GLN A 350 -7.02 -6.65 33.63
C GLN A 350 -7.51 -5.27 34.06
N SER A 351 -6.75 -4.22 33.79
CA SER A 351 -7.15 -2.85 34.11
C SER A 351 -6.64 -1.91 33.05
N LEU A 352 -7.36 -0.81 32.83
CA LEU A 352 -6.91 0.26 31.97
C LEU A 352 -6.48 1.42 32.87
N PRO A 353 -5.20 1.78 32.90
CA PRO A 353 -4.75 2.77 33.88
C PRO A 353 -5.52 4.09 33.81
N SER A 354 -5.74 4.65 35.00
CA SER A 354 -6.34 5.98 35.12
C SER A 354 -5.60 7.03 34.32
N ARG A 355 -4.31 6.84 34.06
CA ARG A 355 -3.57 7.90 33.37
C ARG A 355 -3.97 8.02 31.92
N VAL A 356 -4.92 7.24 31.44
CA VAL A 356 -5.37 7.44 30.06
C VAL A 356 -5.94 8.85 29.93
N GLY A 357 -6.50 9.38 31.02
CA GLY A 357 -7.02 10.74 31.02
C GLY A 357 -6.03 11.79 30.59
N GLU A 358 -4.73 11.48 30.68
CA GLU A 358 -3.71 12.44 30.28
C GLU A 358 -3.52 12.47 28.78
N LEU A 359 -4.03 11.49 28.04
CA LEU A 359 -3.88 11.47 26.59
C LEU A 359 -4.81 12.49 25.96
N THR A 360 -4.33 13.74 25.93
CA THR A 360 -5.14 14.85 25.46
C THR A 360 -5.69 14.59 24.06
N ASN A 361 -4.90 14.02 23.17
CA ASN A 361 -5.25 13.95 21.76
C ASN A 361 -5.84 12.60 21.38
N LEU A 362 -6.25 11.81 22.36
CA LEU A 362 -6.77 10.49 22.05
C LEU A 362 -8.14 10.60 21.38
N THR A 363 -8.26 9.99 20.21
CA THR A 363 -9.53 9.92 19.52
C THR A 363 -10.00 8.49 19.27
N GLN A 364 -9.12 7.49 19.40
CA GLN A 364 -9.45 6.10 19.11
C GLN A 364 -8.77 5.18 20.13
N ILE A 365 -9.55 4.30 20.73
CA ILE A 365 -9.00 3.31 21.67
C ILE A 365 -9.81 2.04 21.52
N GLU A 366 -9.13 0.96 21.13
N GLU A 366 -9.14 0.96 21.13
CA GLU A 366 -9.75 -0.35 20.92
CA GLU A 366 -9.81 -0.32 20.94
C GLU A 366 -9.43 -1.21 22.14
C GLU A 366 -9.46 -1.20 22.12
N LEU A 367 -10.47 -1.60 22.89
CA LEU A 367 -10.28 -2.35 24.13
C LEU A 367 -10.93 -3.73 24.13
N ARG A 368 -11.64 -4.11 23.06
CA ARG A 368 -12.40 -5.34 23.13
C ARG A 368 -11.51 -6.58 23.30
N GLY A 369 -12.09 -7.60 23.91
CA GLY A 369 -11.41 -8.88 24.03
C GLY A 369 -10.36 -8.88 25.12
N ASN A 370 -10.54 -8.06 26.14
CA ASN A 370 -9.65 -7.96 27.26
C ASN A 370 -10.41 -8.42 28.49
N ARG A 371 -9.68 -8.64 29.57
CA ARG A 371 -10.24 -9.10 30.84
C ARG A 371 -10.48 -7.95 31.81
N LEU A 372 -11.13 -6.90 31.31
CA LEU A 372 -11.51 -5.76 32.13
C LEU A 372 -12.83 -6.05 32.87
N GLU A 373 -12.85 -5.73 34.16
CA GLU A 373 -14.08 -5.80 34.94
C GLU A 373 -14.85 -4.49 34.90
N CYS A 374 -14.13 -3.36 34.83
CA CYS A 374 -14.76 -2.05 34.71
C CYS A 374 -13.89 -1.20 33.77
N LEU A 375 -14.32 0.05 33.55
CA LEU A 375 -13.53 1.03 32.81
C LEU A 375 -13.20 2.20 33.73
N PRO A 376 -12.09 2.90 33.50
CA PRO A 376 -11.73 4.02 34.40
C PRO A 376 -12.42 5.33 34.02
N VAL A 377 -12.89 6.02 35.05
CA VAL A 377 -13.66 7.25 34.85
C VAL A 377 -12.88 8.24 34.00
N GLU A 378 -11.55 8.17 34.03
CA GLU A 378 -10.70 9.19 33.47
C GLU A 378 -10.71 9.22 31.96
N LEU A 379 -11.26 8.20 31.32
CA LEU A 379 -11.54 8.30 29.88
C LEU A 379 -12.37 9.53 29.55
N GLY A 380 -13.21 9.96 30.49
CA GLY A 380 -13.99 11.16 30.30
C GLY A 380 -13.17 12.42 30.19
N GLU A 381 -11.91 12.37 30.63
CA GLU A 381 -11.08 13.56 30.56
C GLU A 381 -10.48 13.78 29.19
N CYS A 382 -10.70 12.86 28.24
CA CYS A 382 -10.12 13.00 26.90
C CYS A 382 -11.02 13.87 26.04
N PRO A 383 -10.63 15.11 25.76
CA PRO A 383 -11.58 16.02 25.11
C PRO A 383 -12.10 15.53 23.77
N LEU A 384 -11.23 14.94 22.95
CA LEU A 384 -11.60 14.65 21.57
C LEU A 384 -12.16 13.26 21.38
N LEU A 385 -12.30 12.47 22.44
CA LEU A 385 -12.77 11.11 22.27
C LEU A 385 -14.29 11.14 22.07
N LYS A 386 -14.75 10.26 21.18
CA LYS A 386 -16.18 10.08 20.93
C LYS A 386 -16.55 8.62 21.18
N ARG A 387 -17.84 8.37 21.41
CA ARG A 387 -18.27 7.00 21.67
C ARG A 387 -17.84 6.07 20.52
N SER A 388 -17.84 6.57 19.29
CA SER A 388 -17.45 5.76 18.15
C SER A 388 -15.97 5.41 18.20
N GLY A 389 -15.15 6.24 18.86
CA GLY A 389 -13.73 5.97 18.98
C GLY A 389 -13.38 5.11 20.19
N LEU A 390 -14.30 4.95 21.11
CA LEU A 390 -14.06 4.07 22.27
C LEU A 390 -14.69 2.74 21.93
N VAL A 391 -13.89 1.80 21.44
CA VAL A 391 -14.39 0.52 20.99
C VAL A 391 -14.24 -0.46 22.15
N VAL A 392 -15.36 -0.71 22.83
CA VAL A 392 -15.37 -1.61 23.99
C VAL A 392 -16.76 -2.21 24.08
N GLU A 393 -16.82 -3.36 24.75
CA GLU A 393 -18.09 -4.01 25.05
C GLU A 393 -19.06 -3.06 25.76
N GLU A 394 -20.36 -3.15 25.42
CA GLU A 394 -21.33 -2.20 25.96
C GLU A 394 -21.38 -2.24 27.49
N ASP A 395 -21.33 -3.43 28.09
CA ASP A 395 -21.39 -3.49 29.54
C ASP A 395 -20.21 -2.76 30.19
N LEU A 396 -19.03 -2.82 29.56
CA LEU A 396 -17.91 -2.05 30.07
C LEU A 396 -18.17 -0.55 29.89
N PHE A 397 -18.72 -0.15 28.74
CA PHE A 397 -19.04 1.26 28.52
C PHE A 397 -20.01 1.77 29.60
N SER A 398 -20.92 0.92 30.05
CA SER A 398 -21.91 1.36 31.03
C SER A 398 -21.28 1.74 32.36
N THR A 399 -20.09 1.21 32.68
CA THR A 399 -19.50 1.50 33.98
C THR A 399 -19.04 2.95 34.10
N LEU A 400 -18.95 3.68 33.00
CA LEU A 400 -18.57 5.07 33.06
C LEU A 400 -19.67 5.89 33.72
N PRO A 401 -19.33 7.05 34.27
CA PRO A 401 -20.39 7.94 34.82
C PRO A 401 -21.38 8.33 33.75
N PRO A 402 -22.68 8.35 34.08
CA PRO A 402 -23.67 8.84 33.11
C PRO A 402 -23.28 10.15 32.43
N GLU A 403 -22.78 11.14 33.18
CA GLU A 403 -22.33 12.39 32.57
C GLU A 403 -21.31 12.10 31.47
N VAL A 404 -20.29 11.30 31.78
CA VAL A 404 -19.28 10.98 30.78
C VAL A 404 -19.94 10.29 29.58
N LYS A 405 -20.82 9.32 29.85
CA LYS A 405 -21.45 8.59 28.75
C LYS A 405 -22.30 9.53 27.90
N GLU A 406 -22.93 10.52 28.53
CA GLU A 406 -23.74 11.47 27.78
C GLU A 406 -22.87 12.28 26.82
N ARG A 407 -21.71 12.76 27.31
CA ARG A 407 -20.88 13.62 26.48
C ARG A 407 -20.23 12.86 25.32
N LEU A 408 -19.87 11.60 25.53
CA LEU A 408 -19.36 10.78 24.44
C LEU A 408 -20.39 10.59 23.33
N TRP A 409 -21.63 10.29 23.73
CA TRP A 409 -22.71 10.14 22.75
C TRP A 409 -22.97 11.45 22.01
N ARG A 410 -23.13 12.56 22.74
CA ARG A 410 -23.30 13.86 22.10
C ARG A 410 -22.20 14.11 21.08
N ALA A 411 -20.94 13.90 21.47
CA ALA A 411 -19.82 14.26 20.62
C ALA A 411 -19.97 13.68 19.22
N ASP A 412 -20.54 12.48 19.12
CA ASP A 412 -20.77 11.88 17.79
C ASP A 412 -21.84 12.66 17.02
N LYS A 413 -22.94 12.99 17.68
CA LYS A 413 -24.08 13.56 16.96
C LYS A 413 -23.89 15.05 16.65
N GLU A 414 -23.11 15.78 17.46
CA GLU A 414 -22.88 17.19 17.23
C GLU A 414 -22.45 17.47 15.79
C1 EDO B . 8.04 -14.99 -15.77
O1 EDO B . 7.65 -13.61 -15.77
C2 EDO B . 9.35 -15.12 -16.56
O2 EDO B . 9.46 -16.47 -17.06
H11 EDO B . 7.26 -15.61 -16.22
H12 EDO B . 8.20 -15.34 -14.74
HO1 EDO B . 6.84 -13.51 -15.25
H21 EDO B . 10.20 -14.89 -15.92
H22 EDO B . 9.34 -14.42 -17.39
HO2 EDO B . 10.35 -16.60 -17.41
C1 EDO C . -0.09 1.37 5.67
O1 EDO C . -0.97 0.85 6.69
C2 EDO C . 0.59 2.63 6.20
O2 EDO C . 1.68 3.02 5.35
H11 EDO C . -0.66 1.61 4.78
H12 EDO C . 0.66 0.63 5.42
HO1 EDO C . -1.33 0.00 6.40
H21 EDO C . 0.97 2.45 7.21
H22 EDO C . -0.15 3.44 6.26
HO2 EDO C . 2.09 3.82 5.69
C1 EDO D . 1.45 -0.87 -6.42
O1 EDO D . 0.56 -2.02 -6.35
C2 EDO D . 2.55 -1.05 -5.36
O2 EDO D . 2.15 -0.47 -4.09
H11 EDO D . 0.90 0.05 -6.25
H12 EDO D . 1.90 -0.82 -7.42
HO1 EDO D . -0.24 -1.84 -6.86
H21 EDO D . 3.47 -0.57 -5.70
H22 EDO D . 2.75 -2.11 -5.23
HO2 EDO D . 2.71 -0.84 -3.39
C1 EDO E . -18.04 -3.39 -31.98
O1 EDO E . -17.78 -4.71 -32.49
C2 EDO E . -16.77 -2.55 -32.16
O2 EDO E . -16.33 -2.71 -33.51
H11 EDO E . -18.30 -3.44 -30.91
H12 EDO E . -18.87 -2.93 -32.51
HO1 EDO E . -18.56 -5.27 -32.31
H21 EDO E . -16.00 -2.88 -31.47
H22 EDO E . -16.97 -1.50 -31.95
HO2 EDO E . -15.53 -2.19 -33.66
#